data_1OI0
#
_entry.id   1OI0
#
_cell.length_a   37.787
_cell.length_b   87.081
_cell.length_c   67.827
_cell.angle_alpha   90.00
_cell.angle_beta   94.00
_cell.angle_gamma   90.00
#
_symmetry.space_group_name_H-M   'P 1 21 1'
#
loop_
_entity.id
_entity.type
_entity.pdbx_description
1 polymer 'HYPOTHETICAL PROTEIN AF2198'
2 non-polymer 'ZINC ION'
3 non-polymer TRIS-HYDROXYMETHYL-METHYL-AMMONIUM
4 water water
#
_entity_poly.entity_id   1
_entity_poly.type   'polypeptide(L)'
_entity_poly.pdbx_seq_one_letter_code
;GSSMKISRGLLKTILEAAKSAHPDEFIALLSGSKDVMDELIFLPFVSGSVSAVIHLDMLPIGMKVFGTVHSHPSPSCRPS
EEDLSLFTRFGKYHIIVCYPYDENSWKCYNRKGEEVELEVVEKD
;
_entity_poly.pdbx_strand_id   A,B,C,D
#
loop_
_chem_comp.id
_chem_comp.type
_chem_comp.name
_chem_comp.formula
144 non-polymer TRIS-HYDROXYMETHYL-METHYL-AMMONIUM 'C4 H12 N O3 1'
ZN non-polymer 'ZINC ION' 'Zn 2'
#
# COMPACT_ATOMS: atom_id res chain seq x y z
N GLY A 1 -5.34 36.88 -7.82
CA GLY A 1 -6.33 35.90 -8.35
C GLY A 1 -6.40 34.65 -7.50
N SER A 2 -7.21 33.69 -7.92
CA SER A 2 -7.33 32.43 -7.19
C SER A 2 -6.84 31.26 -8.03
N SER A 3 -5.83 31.51 -8.86
CA SER A 3 -5.24 30.45 -9.67
C SER A 3 -3.95 30.12 -8.95
N MET A 4 -3.25 29.09 -9.42
CA MET A 4 -1.98 28.74 -8.81
C MET A 4 -1.05 29.91 -9.07
N LYS A 5 -0.07 30.07 -8.19
CA LYS A 5 0.89 31.16 -8.30
C LYS A 5 2.30 30.62 -8.24
N ILE A 6 3.25 31.40 -8.73
CA ILE A 6 4.65 31.01 -8.72
C ILE A 6 5.45 32.25 -8.37
N SER A 7 6.45 32.09 -7.51
CA SER A 7 7.28 33.23 -7.13
C SER A 7 8.25 33.56 -8.25
N ARG A 8 8.55 34.84 -8.41
CA ARG A 8 9.49 35.25 -9.45
C ARG A 8 10.85 34.64 -9.13
N GLY A 9 11.10 34.43 -7.85
CA GLY A 9 12.37 33.85 -7.42
C GLY A 9 12.53 32.43 -7.90
N LEU A 10 11.43 31.67 -7.88
CA LEU A 10 11.48 30.28 -8.33
C LEU A 10 11.65 30.21 -9.85
N LEU A 11 10.99 31.12 -10.56
CA LEU A 11 11.10 31.15 -12.02
C LEU A 11 12.55 31.43 -12.42
N LYS A 12 13.18 32.36 -11.71
CA LYS A 12 14.56 32.69 -12.00
C LYS A 12 15.43 31.46 -11.74
N THR A 13 15.18 30.80 -10.62
CA THR A 13 15.93 29.60 -10.26
C THR A 13 15.77 28.53 -11.34
N ILE A 14 14.53 28.34 -11.78
CA ILE A 14 14.24 27.34 -12.81
C ILE A 14 14.95 27.65 -14.12
N LEU A 15 14.81 28.89 -14.60
CA LEU A 15 15.43 29.29 -15.85
C LEU A 15 16.95 29.20 -15.80
N GLU A 16 17.54 29.50 -14.65
CA GLU A 16 18.99 29.43 -14.52
C GLU A 16 19.45 27.97 -14.46
N ALA A 17 18.60 27.12 -13.89
CA ALA A 17 18.90 25.69 -13.79
C ALA A 17 18.84 25.08 -15.18
N ALA A 18 17.90 25.56 -15.99
CA ALA A 18 17.74 25.07 -17.36
C ALA A 18 18.96 25.49 -18.18
N LYS A 19 19.37 26.74 -18.01
CA LYS A 19 20.54 27.25 -18.73
C LYS A 19 21.75 26.41 -18.37
N SER A 20 21.90 26.11 -17.08
CA SER A 20 23.03 25.31 -16.61
C SER A 20 22.97 23.87 -17.11
N ALA A 21 21.75 23.36 -17.28
CA ALA A 21 21.56 22.00 -17.76
C ALA A 21 21.75 21.83 -19.28
N HIS A 22 21.44 22.88 -20.04
CA HIS A 22 21.55 22.82 -21.50
C HIS A 22 22.80 22.08 -21.96
N PRO A 23 22.67 21.21 -22.98
CA PRO A 23 21.46 20.84 -23.73
C PRO A 23 20.62 19.72 -23.13
N ASP A 24 20.93 19.30 -21.92
CA ASP A 24 20.14 18.25 -21.28
C ASP A 24 18.84 18.87 -20.79
N GLU A 25 17.87 18.02 -20.48
CA GLU A 25 16.59 18.49 -19.98
C GLU A 25 16.55 18.47 -18.46
N PHE A 26 16.54 19.66 -17.89
CA PHE A 26 16.46 19.82 -16.45
C PHE A 26 15.04 19.38 -16.08
N ILE A 27 14.89 18.77 -14.91
CA ILE A 27 13.56 18.39 -14.47
C ILE A 27 13.56 18.39 -12.95
N ALA A 28 12.43 18.79 -12.38
CA ALA A 28 12.27 18.84 -10.93
C ALA A 28 10.78 18.87 -10.61
N LEU A 29 10.46 18.69 -9.34
CA LEU A 29 9.07 18.73 -8.91
C LEU A 29 8.82 20.11 -8.32
N LEU A 30 7.68 20.69 -8.67
CA LEU A 30 7.31 22.00 -8.17
C LEU A 30 6.70 21.81 -6.78
N SER A 31 7.14 22.59 -5.80
CA SER A 31 6.62 22.44 -4.46
C SER A 31 6.44 23.77 -3.73
N GLY A 32 5.89 23.69 -2.53
CA GLY A 32 5.66 24.87 -1.72
C GLY A 32 4.40 24.67 -0.89
N SER A 33 3.99 25.71 -0.17
CA SER A 33 2.79 25.64 0.65
C SER A 33 1.71 26.58 0.14
N LYS A 34 0.56 26.53 0.78
CA LYS A 34 -0.56 27.37 0.41
C LYS A 34 -0.90 27.23 -1.08
N ASP A 35 -0.81 28.33 -1.82
CA ASP A 35 -1.11 28.32 -3.24
C ASP A 35 0.00 28.96 -4.06
N VAL A 36 1.24 28.84 -3.58
CA VAL A 36 2.37 29.43 -4.28
C VAL A 36 3.52 28.45 -4.49
N MET A 37 3.95 28.31 -5.73
CA MET A 37 5.08 27.44 -6.07
C MET A 37 6.30 28.27 -5.74
N ASP A 38 7.10 27.84 -4.77
CA ASP A 38 8.29 28.61 -4.41
C ASP A 38 9.45 27.73 -3.98
N GLU A 39 9.31 26.43 -4.18
CA GLU A 39 10.34 25.47 -3.81
C GLU A 39 10.48 24.40 -4.89
N LEU A 40 11.63 23.75 -4.94
CA LEU A 40 11.87 22.70 -5.92
C LEU A 40 12.40 21.44 -5.29
N ILE A 41 11.90 20.30 -5.76
CA ILE A 41 12.37 19.01 -5.31
C ILE A 41 13.23 18.59 -6.49
N PHE A 42 14.55 18.70 -6.33
CA PHE A 42 15.45 18.35 -7.42
C PHE A 42 15.49 16.86 -7.75
N LEU A 43 15.62 16.57 -9.03
CA LEU A 43 15.66 15.20 -9.52
C LEU A 43 16.96 14.95 -10.30
N PRO A 44 17.51 13.73 -10.20
CA PRO A 44 18.75 13.34 -10.87
C PRO A 44 18.65 13.16 -12.39
N PHE A 45 18.51 14.26 -13.12
CA PHE A 45 18.41 14.20 -14.58
C PHE A 45 19.76 14.05 -15.25
N VAL A 46 20.83 14.44 -14.55
CA VAL A 46 22.18 14.32 -15.10
C VAL A 46 22.56 12.85 -15.15
N SER A 47 23.25 12.46 -16.21
CA SER A 47 23.68 11.08 -16.38
C SER A 47 24.61 10.65 -15.25
N ILE A 61 5.99 22.08 7.69
CA ILE A 61 4.66 21.51 7.44
C ILE A 61 3.91 22.32 6.39
N GLY A 62 3.02 21.65 5.65
CA GLY A 62 2.25 22.32 4.63
C GLY A 62 2.76 22.04 3.22
N MET A 63 3.99 21.54 3.13
CA MET A 63 4.61 21.24 1.85
C MET A 63 3.74 20.34 0.96
N LYS A 64 3.72 20.65 -0.33
CA LYS A 64 2.94 19.88 -1.29
C LYS A 64 3.62 19.86 -2.65
N VAL A 65 3.33 18.84 -3.45
CA VAL A 65 3.91 18.71 -4.78
C VAL A 65 2.87 19.16 -5.81
N PHE A 66 3.09 20.34 -6.39
CA PHE A 66 2.15 20.88 -7.36
C PHE A 66 2.27 20.23 -8.73
N GLY A 67 3.44 19.67 -9.02
CA GLY A 67 3.62 19.03 -10.30
C GLY A 67 5.08 18.96 -10.71
N THR A 68 5.35 19.14 -11.99
CA THR A 68 6.71 19.07 -12.49
C THR A 68 7.08 20.25 -13.36
N VAL A 69 8.38 20.41 -13.55
CA VAL A 69 8.91 21.44 -14.42
C VAL A 69 10.10 20.82 -15.13
N HIS A 70 10.17 20.99 -16.44
CA HIS A 70 11.31 20.47 -17.18
C HIS A 70 11.63 21.41 -18.33
N SER A 71 12.85 21.34 -18.82
CA SER A 71 13.26 22.21 -19.91
C SER A 71 13.44 21.52 -21.25
N HIS A 72 13.35 22.32 -22.31
CA HIS A 72 13.53 21.86 -23.69
C HIS A 72 14.72 22.63 -24.25
N PRO A 73 15.71 21.92 -24.80
CA PRO A 73 16.89 22.56 -25.37
C PRO A 73 16.59 23.20 -26.72
N SER A 74 15.42 22.90 -27.27
CA SER A 74 15.01 23.49 -28.53
C SER A 74 14.13 24.69 -28.15
N PRO A 75 13.88 25.60 -29.09
CA PRO A 75 13.06 26.76 -28.80
C PRO A 75 11.54 26.55 -28.71
N SER A 76 11.12 25.35 -28.33
CA SER A 76 9.70 25.05 -28.21
C SER A 76 9.27 24.77 -26.77
N CYS A 77 8.29 25.51 -26.28
CA CYS A 77 7.80 25.30 -24.93
C CYS A 77 6.49 24.54 -24.97
N ARG A 78 6.19 23.94 -26.12
CA ARG A 78 4.97 23.17 -26.30
C ARG A 78 5.21 21.75 -25.82
N PRO A 79 4.18 21.08 -25.28
CA PRO A 79 4.35 19.70 -24.81
C PRO A 79 4.21 18.69 -25.93
N SER A 80 4.90 17.57 -25.79
CA SER A 80 4.83 16.49 -26.77
C SER A 80 3.88 15.46 -26.18
N GLU A 81 3.62 14.39 -26.92
CA GLU A 81 2.74 13.33 -26.43
C GLU A 81 3.38 12.73 -25.18
N GLU A 82 4.71 12.61 -25.20
CA GLU A 82 5.44 12.06 -24.08
C GLU A 82 5.22 12.92 -22.84
N ASP A 83 5.24 14.24 -23.02
CA ASP A 83 5.03 15.14 -21.90
C ASP A 83 3.64 14.95 -21.30
N LEU A 84 2.65 14.80 -22.16
CA LEU A 84 1.29 14.61 -21.69
C LEU A 84 1.20 13.38 -20.79
N SER A 85 1.95 12.32 -21.11
CA SER A 85 1.92 11.12 -20.29
C SER A 85 2.59 11.37 -18.95
N LEU A 86 3.54 12.30 -18.92
CA LEU A 86 4.23 12.66 -17.68
C LEU A 86 3.27 13.48 -16.81
N PHE A 87 2.60 14.44 -17.44
CA PHE A 87 1.66 15.31 -16.74
C PHE A 87 0.55 14.56 -16.03
N THR A 88 0.05 13.49 -16.65
CA THR A 88 -1.05 12.72 -16.08
C THR A 88 -0.69 11.81 -14.91
N ARG A 89 0.58 11.45 -14.77
CA ARG A 89 1.00 10.56 -13.70
C ARG A 89 0.82 11.10 -12.29
N PHE A 90 1.08 12.39 -12.11
CA PHE A 90 0.93 13.01 -10.80
C PHE A 90 1.10 14.51 -10.92
N GLY A 91 0.54 15.25 -9.97
CA GLY A 91 0.68 16.70 -10.01
C GLY A 91 -0.37 17.39 -10.85
N LYS A 92 -0.79 18.55 -10.37
CA LYS A 92 -1.81 19.35 -11.04
C LYS A 92 -1.23 20.28 -12.10
N TYR A 93 -0.05 20.83 -11.84
CA TYR A 93 0.57 21.77 -12.76
C TYR A 93 1.92 21.33 -13.29
N HIS A 94 2.17 21.65 -14.55
CA HIS A 94 3.43 21.28 -15.17
C HIS A 94 3.99 22.37 -16.05
N ILE A 95 5.16 22.85 -15.69
CA ILE A 95 5.81 23.92 -16.44
C ILE A 95 6.87 23.41 -17.40
N ILE A 96 6.94 24.03 -18.57
CA ILE A 96 7.97 23.70 -19.55
C ILE A 96 8.69 25.01 -19.83
N VAL A 97 10.01 25.00 -19.74
CA VAL A 97 10.80 26.19 -20.04
C VAL A 97 11.58 25.76 -21.28
N CYS A 98 11.94 26.71 -22.13
CA CYS A 98 12.64 26.36 -23.36
C CYS A 98 13.73 27.35 -23.73
N TYR A 99 14.65 26.92 -24.58
CA TYR A 99 15.73 27.76 -25.05
C TYR A 99 15.10 29.01 -25.66
N PRO A 100 15.73 30.18 -25.51
CA PRO A 100 16.98 30.55 -24.83
C PRO A 100 16.87 30.73 -23.31
N TYR A 101 15.74 30.30 -22.75
CA TYR A 101 15.51 30.39 -21.31
C TYR A 101 15.46 31.82 -20.79
N ASP A 102 14.88 32.73 -21.57
CA ASP A 102 14.75 34.11 -21.14
C ASP A 102 13.59 34.20 -20.16
N GLU A 103 13.45 35.36 -19.53
CA GLU A 103 12.40 35.59 -18.53
C GLU A 103 11.00 35.09 -18.90
N ASN A 104 10.66 35.12 -20.18
CA ASN A 104 9.34 34.68 -20.62
C ASN A 104 9.34 33.36 -21.39
N SER A 105 10.44 32.64 -21.32
CA SER A 105 10.56 31.36 -22.02
C SER A 105 9.99 30.20 -21.20
N TRP A 106 8.72 30.32 -20.83
CA TRP A 106 8.06 29.28 -20.04
C TRP A 106 6.55 29.29 -20.23
N LYS A 107 5.95 28.13 -20.02
CA LYS A 107 4.50 27.96 -20.12
C LYS A 107 4.08 26.90 -19.11
N CYS A 108 2.86 27.01 -18.60
CA CYS A 108 2.35 26.05 -17.63
C CYS A 108 1.15 25.31 -18.21
N TYR A 109 1.03 24.03 -17.85
CA TYR A 109 -0.07 23.19 -18.31
C TYR A 109 -0.68 22.42 -17.16
N ASN A 110 -1.91 21.96 -17.33
CA ASN A 110 -2.57 21.18 -16.28
C ASN A 110 -2.28 19.70 -16.48
N ARG A 111 -2.86 18.85 -15.64
CA ARG A 111 -2.63 17.41 -15.72
C ARG A 111 -3.05 16.81 -17.06
N LYS A 112 -3.81 17.59 -17.85
CA LYS A 112 -4.29 17.11 -19.14
C LYS A 112 -3.56 17.72 -20.35
N GLY A 113 -2.56 18.54 -20.08
CA GLY A 113 -1.79 19.14 -21.18
C GLY A 113 -2.35 20.43 -21.74
N GLU A 114 -3.33 21.02 -21.05
CA GLU A 114 -3.93 22.26 -21.50
C GLU A 114 -3.19 23.42 -20.83
N GLU A 115 -2.89 24.47 -21.59
CA GLU A 115 -2.18 25.62 -21.04
C GLU A 115 -3.03 26.35 -20.01
N VAL A 116 -2.45 26.63 -18.86
CA VAL A 116 -3.15 27.34 -17.79
C VAL A 116 -2.26 28.47 -17.30
N GLU A 117 -2.86 29.43 -16.61
CA GLU A 117 -2.10 30.56 -16.09
C GLU A 117 -1.47 30.30 -14.73
N LEU A 118 -0.41 31.06 -14.47
CA LEU A 118 0.28 31.03 -13.19
C LEU A 118 0.50 32.50 -12.88
N GLU A 119 -0.05 32.97 -11.76
CA GLU A 119 0.15 34.37 -11.42
C GLU A 119 1.52 34.48 -10.77
N VAL A 120 2.38 35.33 -11.33
CA VAL A 120 3.72 35.52 -10.79
C VAL A 120 3.64 36.51 -9.63
N VAL A 121 4.12 36.08 -8.47
CA VAL A 121 4.09 36.93 -7.28
C VAL A 121 5.49 37.17 -6.73
N MET B 4 23.46 -3.41 -7.39
CA MET B 4 22.53 -2.58 -6.58
C MET B 4 21.65 -3.50 -5.73
N LYS B 5 21.24 -3.00 -4.57
CA LYS B 5 20.40 -3.78 -3.65
C LYS B 5 19.09 -3.07 -3.35
N ILE B 6 18.09 -3.87 -2.96
CA ILE B 6 16.79 -3.35 -2.58
C ILE B 6 16.29 -4.26 -1.45
N SER B 7 15.64 -3.67 -0.44
CA SER B 7 15.16 -4.46 0.67
C SER B 7 13.76 -5.00 0.39
N ARG B 8 13.52 -6.23 0.81
CA ARG B 8 12.21 -6.85 0.61
C ARG B 8 11.19 -5.99 1.34
N GLY B 9 11.65 -5.29 2.37
CA GLY B 9 10.77 -4.42 3.13
C GLY B 9 10.22 -3.32 2.25
N LEU B 10 11.07 -2.76 1.39
CA LEU B 10 10.64 -1.70 0.49
C LEU B 10 9.70 -2.27 -0.58
N LEU B 11 10.03 -3.46 -1.09
CA LEU B 11 9.17 -4.09 -2.09
C LEU B 11 7.79 -4.33 -1.52
N LYS B 12 7.73 -4.80 -0.27
CA LYS B 12 6.45 -5.05 0.39
C LYS B 12 5.63 -3.78 0.46
N THR B 13 6.28 -2.69 0.88
CA THR B 13 5.62 -1.39 0.98
C THR B 13 5.04 -0.98 -0.37
N ILE B 14 5.86 -1.11 -1.41
CA ILE B 14 5.44 -0.75 -2.76
C ILE B 14 4.24 -1.58 -3.22
N LEU B 15 4.31 -2.88 -2.98
CA LEU B 15 3.24 -3.79 -3.39
C LEU B 15 1.95 -3.49 -2.63
N GLU B 16 2.05 -3.21 -1.34
CA GLU B 16 0.85 -2.89 -0.57
C GLU B 16 0.23 -1.57 -1.03
N ALA B 17 1.09 -0.61 -1.38
CA ALA B 17 0.63 0.68 -1.85
C ALA B 17 -0.11 0.51 -3.18
N ALA B 18 0.41 -0.38 -4.03
CA ALA B 18 -0.23 -0.65 -5.30
C ALA B 18 -1.58 -1.31 -5.08
N LYS B 19 -1.64 -2.24 -4.13
CA LYS B 19 -2.89 -2.94 -3.84
C LYS B 19 -3.96 -1.97 -3.39
N SER B 20 -3.58 -0.99 -2.61
CA SER B 20 -4.53 -0.01 -2.11
C SER B 20 -4.98 0.97 -3.19
N ALA B 21 -4.10 1.24 -4.15
CA ALA B 21 -4.42 2.19 -5.22
C ALA B 21 -5.15 1.54 -6.41
N HIS B 22 -4.99 0.23 -6.56
CA HIS B 22 -5.60 -0.51 -7.68
C HIS B 22 -7.07 -0.16 -7.93
N PRO B 23 -7.45 0.03 -9.21
CA PRO B 23 -6.66 -0.06 -10.43
C PRO B 23 -5.92 1.21 -10.84
N ASP B 24 -5.91 2.23 -9.97
CA ASP B 24 -5.21 3.46 -10.30
C ASP B 24 -3.72 3.21 -10.19
N GLU B 25 -2.94 4.07 -10.84
CA GLU B 25 -1.49 3.94 -10.82
C GLU B 25 -0.86 4.57 -9.61
N PHE B 26 -0.18 3.75 -8.81
CA PHE B 26 0.52 4.27 -7.66
C PHE B 26 1.89 4.66 -8.18
N ILE B 27 2.40 5.81 -7.76
CA ILE B 27 3.73 6.20 -8.22
C ILE B 27 4.46 6.95 -7.11
N ALA B 28 5.75 6.69 -6.97
CA ALA B 28 6.56 7.35 -5.95
C ALA B 28 8.01 7.36 -6.40
N LEU B 29 8.87 8.01 -5.63
CA LEU B 29 10.29 8.04 -5.95
C LEU B 29 10.99 7.03 -5.06
N LEU B 30 12.01 6.37 -5.63
CA LEU B 30 12.79 5.39 -4.88
C LEU B 30 13.93 6.10 -4.19
N SER B 31 14.19 5.75 -2.93
CA SER B 31 15.26 6.36 -2.16
C SER B 31 15.99 5.30 -1.32
N GLY B 32 17.01 5.72 -0.59
CA GLY B 32 17.75 4.77 0.22
C GLY B 32 19.08 5.31 0.71
N SER B 33 20.03 4.40 0.95
CA SER B 33 21.34 4.79 1.43
C SER B 33 22.48 4.07 0.74
N LYS B 34 23.34 4.84 0.06
CA LYS B 34 24.50 4.29 -0.63
C LYS B 34 24.20 3.19 -1.62
N ASP B 35 24.17 1.95 -1.15
CA ASP B 35 23.93 0.80 -2.02
C ASP B 35 22.65 0.03 -1.77
N VAL B 36 21.69 0.64 -1.08
CA VAL B 36 20.43 -0.06 -0.81
C VAL B 36 19.20 0.83 -0.93
N MET B 37 18.26 0.41 -1.80
CA MET B 37 17.01 1.14 -1.97
C MET B 37 16.08 0.56 -0.90
N ASP B 38 15.75 1.38 0.10
CA ASP B 38 14.90 0.92 1.18
C ASP B 38 13.88 1.98 1.65
N GLU B 39 13.75 3.05 0.87
CA GLU B 39 12.82 4.10 1.24
C GLU B 39 12.04 4.65 0.04
N LEU B 40 10.88 5.22 0.34
CA LEU B 40 10.03 5.82 -0.68
C LEU B 40 9.74 7.28 -0.36
N ILE B 41 9.62 8.07 -1.41
CA ILE B 41 9.26 9.48 -1.27
C ILE B 41 7.90 9.52 -1.96
N PHE B 42 6.84 9.66 -1.18
CA PHE B 42 5.49 9.69 -1.74
C PHE B 42 5.16 10.92 -2.59
N LEU B 43 4.37 10.69 -3.65
CA LEU B 43 3.94 11.75 -4.56
C LEU B 43 2.41 11.89 -4.60
N PRO B 44 1.91 13.00 -5.16
CA PRO B 44 0.47 13.26 -5.28
C PRO B 44 -0.14 12.72 -6.58
N PHE B 45 -0.44 11.42 -6.62
CA PHE B 45 -1.03 10.82 -7.80
C PHE B 45 -2.55 10.71 -7.66
N LEU B 59 13.45 17.42 0.35
CA LEU B 59 14.37 16.30 0.53
C LEU B 59 15.70 16.76 1.13
N PRO B 60 15.98 16.35 2.38
CA PRO B 60 17.22 16.72 3.07
C PRO B 60 18.45 16.44 2.21
N ILE B 61 19.43 17.33 2.29
CA ILE B 61 20.66 17.17 1.53
C ILE B 61 21.30 15.84 1.90
N GLY B 62 21.64 15.05 0.89
CA GLY B 62 22.22 13.75 1.13
C GLY B 62 21.24 12.66 0.73
N MET B 63 19.96 12.96 0.85
CA MET B 63 18.92 12.01 0.49
C MET B 63 18.98 11.78 -1.01
N LYS B 64 19.24 10.54 -1.39
CA LYS B 64 19.36 10.20 -2.80
C LYS B 64 18.05 9.74 -3.44
N VAL B 65 17.89 10.07 -4.71
CA VAL B 65 16.72 9.69 -5.49
C VAL B 65 17.23 8.73 -6.55
N PHE B 66 16.89 7.45 -6.40
CA PHE B 66 17.34 6.42 -7.32
C PHE B 66 16.50 6.35 -8.59
N GLY B 67 15.28 6.85 -8.52
CA GLY B 67 14.42 6.81 -9.68
C GLY B 67 12.95 6.75 -9.28
N THR B 68 12.15 6.09 -10.10
CA THR B 68 10.72 5.99 -9.87
C THR B 68 10.22 4.56 -9.68
N VAL B 69 9.02 4.45 -9.13
CA VAL B 69 8.36 3.17 -8.99
C VAL B 69 6.88 3.42 -9.22
N HIS B 70 6.25 2.59 -10.05
CA HIS B 70 4.82 2.73 -10.27
C HIS B 70 4.18 1.38 -10.53
N SER B 71 2.86 1.33 -10.43
CA SER B 71 2.14 0.09 -10.62
C SER B 71 1.32 0.00 -11.91
N HIS B 72 1.07 -1.24 -12.31
CA HIS B 72 0.27 -1.59 -13.50
C HIS B 72 -0.90 -2.45 -13.02
N PRO B 73 -2.13 -2.09 -13.41
CA PRO B 73 -3.33 -2.84 -13.00
C PRO B 73 -3.58 -4.16 -13.73
N SER B 74 -2.69 -4.54 -14.64
CA SER B 74 -2.82 -5.81 -15.35
C SER B 74 -1.54 -6.59 -15.04
N PRO B 75 -1.53 -7.91 -15.35
CA PRO B 75 -0.36 -8.75 -15.09
C PRO B 75 1.01 -8.39 -15.71
N SER B 76 1.04 -7.44 -16.63
CA SER B 76 2.30 -7.09 -17.27
C SER B 76 3.13 -6.02 -16.56
N CYS B 77 4.37 -6.36 -16.22
CA CYS B 77 5.29 -5.43 -15.58
C CYS B 77 6.23 -4.86 -16.65
N ARG B 78 5.88 -5.07 -17.92
CA ARG B 78 6.68 -4.58 -19.04
C ARG B 78 6.47 -3.08 -19.21
N PRO B 79 7.54 -2.33 -19.52
CA PRO B 79 7.41 -0.88 -19.70
C PRO B 79 6.68 -0.51 -20.98
N SER B 80 5.78 0.45 -20.89
CA SER B 80 5.06 0.93 -22.06
C SER B 80 5.98 1.95 -22.71
N GLU B 81 5.61 2.44 -23.89
CA GLU B 81 6.43 3.44 -24.54
C GLU B 81 6.46 4.69 -23.66
N GLU B 82 5.33 4.97 -23.00
CA GLU B 82 5.23 6.12 -22.11
C GLU B 82 6.19 5.94 -20.94
N ASP B 83 6.31 4.72 -20.44
CA ASP B 83 7.23 4.45 -19.34
C ASP B 83 8.66 4.70 -19.77
N LEU B 84 9.02 4.25 -20.97
CA LEU B 84 10.38 4.45 -21.44
C LEU B 84 10.69 5.96 -21.48
N SER B 85 9.71 6.76 -21.89
CA SER B 85 9.94 8.21 -21.95
C SER B 85 10.14 8.79 -20.55
N LEU B 86 9.48 8.22 -19.55
CA LEU B 86 9.63 8.69 -18.18
C LEU B 86 11.00 8.31 -17.62
N PHE B 87 11.38 7.05 -17.80
CA PHE B 87 12.65 6.55 -17.29
C PHE B 87 13.86 7.36 -17.78
N THR B 88 13.80 7.84 -19.01
CA THR B 88 14.94 8.59 -19.57
C THR B 88 15.12 9.97 -18.95
N ARG B 89 14.05 10.51 -18.37
CA ARG B 89 14.10 11.84 -17.78
C ARG B 89 14.99 12.01 -16.55
N PHE B 90 15.05 10.98 -15.72
CA PHE B 90 15.87 11.05 -14.51
C PHE B 90 15.92 9.70 -13.82
N GLY B 91 16.92 9.53 -12.95
CA GLY B 91 17.05 8.30 -12.19
C GLY B 91 17.77 7.17 -12.89
N LYS B 92 18.43 6.34 -12.08
CA LYS B 92 19.18 5.21 -12.57
C LYS B 92 18.37 3.92 -12.54
N TYR B 93 17.39 3.85 -11.65
CA TYR B 93 16.57 2.65 -11.48
C TYR B 93 15.09 3.01 -11.46
N HIS B 94 14.30 2.20 -12.16
CA HIS B 94 12.86 2.41 -12.26
C HIS B 94 12.18 1.07 -12.10
N ILE B 95 11.31 0.98 -11.11
CA ILE B 95 10.61 -0.26 -10.85
C ILE B 95 9.14 -0.20 -11.24
N ILE B 96 8.66 -1.30 -11.78
CA ILE B 96 7.25 -1.43 -12.13
C ILE B 96 6.73 -2.66 -11.39
N VAL B 97 5.58 -2.53 -10.74
CA VAL B 97 4.96 -3.66 -10.07
C VAL B 97 3.65 -3.84 -10.80
N CYS B 98 3.17 -5.08 -10.86
CA CYS B 98 1.97 -5.37 -11.63
C CYS B 98 1.01 -6.30 -10.91
N TYR B 99 -0.26 -6.22 -11.29
CA TYR B 99 -1.32 -7.05 -10.72
C TYR B 99 -0.89 -8.51 -10.84
N PRO B 100 -1.19 -9.34 -9.83
CA PRO B 100 -1.90 -9.11 -8.55
C PRO B 100 -1.04 -8.56 -7.41
N TYR B 101 0.15 -8.07 -7.72
CA TYR B 101 1.04 -7.49 -6.73
C TYR B 101 1.55 -8.48 -5.69
N ASP B 102 1.81 -9.71 -6.14
CA ASP B 102 2.35 -10.72 -5.24
C ASP B 102 3.84 -10.41 -5.09
N GLU B 103 4.51 -11.13 -4.20
CA GLU B 103 5.93 -10.90 -3.93
C GLU B 103 6.88 -10.88 -5.15
N ASN B 104 6.50 -11.55 -6.22
CA ASN B 104 7.35 -11.61 -7.42
C ASN B 104 6.87 -10.73 -8.56
N SER B 105 5.76 -10.04 -8.37
CA SER B 105 5.17 -9.19 -9.40
C SER B 105 5.82 -7.81 -9.52
N TRP B 106 7.11 -7.81 -9.81
CA TRP B 106 7.84 -6.56 -9.96
C TRP B 106 9.01 -6.76 -10.91
N LYS B 107 9.50 -5.65 -11.46
CA LYS B 107 10.65 -5.67 -12.36
C LYS B 107 11.37 -4.34 -12.18
N CYS B 108 12.68 -4.36 -12.37
CA CYS B 108 13.47 -3.13 -12.26
C CYS B 108 14.15 -2.90 -13.61
N TYR B 109 14.20 -1.64 -14.02
CA TYR B 109 14.79 -1.24 -15.29
C TYR B 109 15.78 -0.10 -15.10
N ASN B 110 16.68 0.07 -16.07
CA ASN B 110 17.61 1.19 -15.99
C ASN B 110 16.98 2.38 -16.75
N ARG B 111 17.73 3.45 -16.91
CA ARG B 111 17.24 4.65 -17.58
C ARG B 111 16.86 4.40 -19.04
N LYS B 112 17.45 3.38 -19.64
CA LYS B 112 17.16 3.05 -21.03
C LYS B 112 16.04 2.01 -21.18
N GLY B 113 15.40 1.67 -20.07
CA GLY B 113 14.32 0.71 -20.11
C GLY B 113 14.72 -0.75 -20.19
N GLU B 114 16.00 -1.03 -19.97
CA GLU B 114 16.49 -2.41 -20.01
C GLU B 114 16.39 -3.00 -18.61
N GLU B 115 15.98 -4.25 -18.51
CA GLU B 115 15.84 -4.87 -17.19
C GLU B 115 17.19 -4.99 -16.50
N VAL B 116 17.21 -4.70 -15.20
CA VAL B 116 18.44 -4.79 -14.42
C VAL B 116 18.22 -5.68 -13.22
N GLU B 117 19.27 -6.42 -12.86
CA GLU B 117 19.20 -7.34 -11.74
C GLU B 117 19.51 -6.66 -10.40
N LEU B 118 18.64 -6.87 -9.43
CA LEU B 118 18.82 -6.31 -8.09
C LEU B 118 18.98 -7.43 -7.08
N GLU B 119 19.81 -7.19 -6.07
CA GLU B 119 19.99 -8.17 -5.01
C GLU B 119 18.93 -7.80 -3.98
N VAL B 120 18.09 -8.76 -3.59
CA VAL B 120 17.05 -8.46 -2.62
C VAL B 120 17.48 -8.90 -1.22
N VAL B 121 17.60 -7.92 -0.32
CA VAL B 121 18.02 -8.19 1.05
C VAL B 121 16.89 -7.99 2.05
N GLU B 122 17.05 -8.57 3.24
CA GLU B 122 16.03 -8.47 4.28
C GLU B 122 16.07 -7.13 4.98
N GLY C 1 -24.79 9.41 19.20
CA GLY C 1 -25.50 8.70 18.11
C GLY C 1 -25.69 7.22 18.42
N SER C 2 -26.25 6.47 17.48
CA SER C 2 -26.46 5.04 17.66
C SER C 2 -25.63 4.22 16.69
N SER C 3 -24.50 4.77 16.26
CA SER C 3 -23.61 4.04 15.38
C SER C 3 -22.62 3.41 16.34
N MET C 4 -21.77 2.54 15.84
CA MET C 4 -20.76 1.94 16.69
C MET C 4 -19.85 3.10 17.11
N LYS C 5 -19.22 2.96 18.27
CA LYS C 5 -18.34 3.99 18.76
C LYS C 5 -16.97 3.40 19.03
N ILE C 6 -15.98 4.27 19.17
CA ILE C 6 -14.62 3.84 19.46
C ILE C 6 -14.02 4.86 20.43
N SER C 7 -13.30 4.37 21.44
CA SER C 7 -12.69 5.27 22.41
C SER C 7 -11.50 5.98 21.78
N ARG C 8 -11.26 7.23 22.21
CA ARG C 8 -10.14 7.98 21.69
C ARG C 8 -8.88 7.23 22.07
N GLY C 9 -8.91 6.60 23.25
CA GLY C 9 -7.76 5.85 23.72
C GLY C 9 -7.45 4.66 22.82
N LEU C 10 -8.47 4.07 22.20
CA LEU C 10 -8.25 2.94 21.32
C LEU C 10 -7.68 3.41 19.98
N LEU C 11 -8.17 4.54 19.48
CA LEU C 11 -7.65 5.06 18.23
C LEU C 11 -6.17 5.40 18.41
N LYS C 12 -5.87 6.02 19.55
CA LYS C 12 -4.52 6.39 19.90
C LYS C 12 -3.62 5.16 19.93
N THR C 13 -4.13 4.09 20.54
CA THR C 13 -3.39 2.84 20.63
C THR C 13 -3.14 2.28 19.23
N ILE C 14 -4.16 2.31 18.39
CA ILE C 14 -4.05 1.80 17.03
C ILE C 14 -3.01 2.58 16.23
N LEU C 15 -3.10 3.91 16.28
CA LEU C 15 -2.18 4.77 15.56
C LEU C 15 -0.74 4.55 16.02
N GLU C 16 -0.56 4.43 17.33
CA GLU C 16 0.78 4.19 17.90
C GLU C 16 1.31 2.85 17.42
N ALA C 17 0.45 1.83 17.44
CA ALA C 17 0.83 0.49 17.01
C ALA C 17 1.30 0.52 15.56
N ALA C 18 0.59 1.28 14.73
CA ALA C 18 0.95 1.40 13.33
C ALA C 18 2.31 2.08 13.18
N LYS C 19 2.51 3.19 13.90
CA LYS C 19 3.77 3.93 13.84
C LYS C 19 4.96 3.08 14.25
N SER C 20 4.78 2.28 15.30
CA SER C 20 5.85 1.44 15.80
C SER C 20 6.14 0.24 14.90
N ALA C 21 5.16 -0.17 14.10
CA ALA C 21 5.33 -1.31 13.21
C ALA C 21 5.79 -0.92 11.80
N HIS C 22 5.51 0.33 11.42
CA HIS C 22 5.85 0.84 10.10
C HIS C 22 7.29 0.45 9.72
N PRO C 23 7.52 0.06 8.46
CA PRO C 23 6.59 -0.07 7.33
C PRO C 23 5.79 -1.36 7.30
N ASP C 24 5.97 -2.21 8.29
CA ASP C 24 5.22 -3.46 8.32
C ASP C 24 3.78 -3.11 8.70
N GLU C 25 2.85 -3.99 8.35
CA GLU C 25 1.46 -3.72 8.67
C GLU C 25 1.04 -4.41 9.95
N PHE C 26 0.57 -3.60 10.88
CA PHE C 26 0.09 -4.06 12.17
C PHE C 26 -1.33 -4.56 11.96
N ILE C 27 -1.72 -5.59 12.69
CA ILE C 27 -3.09 -6.08 12.59
C ILE C 27 -3.52 -6.63 13.94
N ALA C 28 -4.75 -6.33 14.32
CA ALA C 28 -5.29 -6.80 15.58
C ALA C 28 -6.80 -6.92 15.43
N LEU C 29 -7.44 -7.47 16.45
CA LEU C 29 -8.89 -7.61 16.43
C LEU C 29 -9.46 -6.49 17.30
N LEU C 30 -10.55 -5.90 16.84
CA LEU C 30 -11.23 -4.84 17.59
C LEU C 30 -12.18 -5.54 18.55
N SER C 31 -12.22 -5.10 19.80
CA SER C 31 -13.11 -5.75 20.75
C SER C 31 -13.59 -4.81 21.85
N GLY C 32 -14.35 -5.37 22.77
CA GLY C 32 -14.88 -4.60 23.88
C GLY C 32 -16.23 -5.16 24.28
N SER C 33 -16.99 -4.37 25.04
CA SER C 33 -18.32 -4.79 25.48
C SER C 33 -19.34 -3.73 25.05
N LYS C 34 -20.61 -4.04 25.27
CA LYS C 34 -21.69 -3.13 24.91
C LYS C 34 -21.56 -2.60 23.48
N ASP C 35 -21.76 -1.30 23.32
CA ASP C 35 -21.70 -0.68 22.00
C ASP C 35 -20.45 0.15 21.77
N VAL C 36 -19.32 -0.24 22.37
CA VAL C 36 -18.09 0.52 22.17
C VAL C 36 -16.84 -0.31 21.97
N MET C 37 -16.01 0.14 21.05
CA MET C 37 -14.75 -0.55 20.76
C MET C 37 -13.71 0.19 21.59
N ASP C 38 -13.21 -0.47 22.63
CA ASP C 38 -12.23 0.13 23.51
C ASP C 38 -11.11 -0.83 23.91
N GLU C 39 -11.03 -1.96 23.22
CA GLU C 39 -10.01 -2.94 23.50
C GLU C 39 -9.55 -3.58 22.20
N LEU C 40 -8.32 -4.08 22.21
CA LEU C 40 -7.74 -4.73 21.05
C LEU C 40 -7.27 -6.10 21.49
N ILE C 41 -7.42 -7.08 20.61
CA ILE C 41 -6.92 -8.40 20.90
C ILE C 41 -5.70 -8.49 19.99
N PHE C 42 -4.52 -8.40 20.59
CA PHE C 42 -3.30 -8.47 19.81
C PHE C 42 -3.08 -9.91 19.38
N LEU C 43 -2.51 -10.09 18.21
CA LEU C 43 -2.26 -11.42 17.66
C LEU C 43 -0.77 -11.73 17.60
N GLY C 62 -17.87 -12.60 28.02
CA GLY C 62 -18.68 -11.47 27.59
C GLY C 62 -17.96 -10.62 26.56
N MET C 63 -16.72 -10.96 26.27
CA MET C 63 -15.91 -10.22 25.30
C MET C 63 -16.36 -10.54 23.88
N LYS C 64 -16.48 -9.51 23.04
CA LYS C 64 -16.90 -9.71 21.67
C LYS C 64 -15.91 -9.11 20.68
N VAL C 65 -15.83 -9.73 19.51
CA VAL C 65 -14.96 -9.28 18.45
C VAL C 65 -15.78 -8.49 17.46
N PHE C 66 -15.41 -7.24 17.26
CA PHE C 66 -16.12 -6.37 16.34
C PHE C 66 -15.60 -6.50 14.92
N GLY C 67 -14.34 -6.90 14.80
CA GLY C 67 -13.73 -7.04 13.49
C GLY C 67 -12.23 -6.89 13.57
N THR C 68 -11.63 -6.35 12.52
CA THR C 68 -10.19 -6.16 12.46
C THR C 68 -9.75 -4.72 12.28
N VAL C 69 -8.47 -4.48 12.57
CA VAL C 69 -7.87 -3.18 12.35
C VAL C 69 -6.45 -3.49 11.85
N HIS C 70 -6.05 -2.83 10.79
CA HIS C 70 -4.70 -3.01 10.28
C HIS C 70 -4.21 -1.72 9.66
N SER C 71 -2.89 -1.64 9.48
CA SER C 71 -2.30 -0.44 8.91
C SER C 71 -1.73 -0.59 7.51
N HIS C 72 -1.61 0.55 6.86
CA HIS C 72 -1.06 0.69 5.52
C HIS C 72 0.16 1.60 5.59
N PRO C 73 1.30 1.17 5.04
CA PRO C 73 2.51 1.98 5.06
C PRO C 73 2.48 3.18 4.11
N SER C 74 1.49 3.21 3.22
CA SER C 74 1.35 4.30 2.27
C SER C 74 0.22 5.22 2.73
N PRO C 75 0.11 6.43 2.14
CA PRO C 75 -0.93 7.39 2.51
C PRO C 75 -2.38 6.98 2.27
N SER C 76 -2.60 5.87 1.58
CA SER C 76 -3.95 5.42 1.27
C SER C 76 -4.60 4.50 2.30
N CYS C 77 -5.81 4.87 2.72
CA CYS C 77 -6.56 4.07 3.67
C CYS C 77 -7.64 3.27 2.95
N ARG C 78 -7.54 3.23 1.62
CA ARG C 78 -8.49 2.51 0.79
C ARG C 78 -8.28 0.99 0.86
N PRO C 79 -9.37 0.22 0.99
CA PRO C 79 -9.23 -1.23 1.06
C PRO C 79 -8.74 -1.82 -0.26
N SER C 80 -7.84 -2.78 -0.15
CA SER C 80 -7.32 -3.47 -1.33
C SER C 80 -8.30 -4.60 -1.61
N GLU C 81 -8.17 -5.27 -2.74
CA GLU C 81 -9.07 -6.38 -3.04
C GLU C 81 -8.89 -7.45 -1.96
N GLU C 82 -7.66 -7.66 -1.51
CA GLU C 82 -7.41 -8.66 -0.47
C GLU C 82 -8.11 -8.25 0.84
N ASP C 83 -8.10 -6.95 1.13
CA ASP C 83 -8.78 -6.46 2.33
C ASP C 83 -10.26 -6.76 2.26
N LEU C 84 -10.86 -6.51 1.10
CA LEU C 84 -12.28 -6.77 0.94
C LEU C 84 -12.60 -8.24 1.22
N SER C 85 -11.70 -9.13 0.80
CA SER C 85 -11.91 -10.56 1.02
C SER C 85 -11.80 -10.90 2.50
N LEU C 86 -10.95 -10.16 3.20
CA LEU C 86 -10.77 -10.37 4.63
C LEU C 86 -12.01 -9.88 5.39
N PHE C 87 -12.48 -8.70 5.03
CA PHE C 87 -13.65 -8.10 5.68
C PHE C 87 -14.91 -8.97 5.65
N THR C 88 -15.09 -9.75 4.59
CA THR C 88 -16.28 -10.59 4.49
C THR C 88 -16.23 -11.86 5.35
N ARG C 89 -15.02 -12.27 5.74
CA ARG C 89 -14.87 -13.49 6.54
C ARG C 89 -15.47 -13.44 7.94
N PHE C 90 -15.37 -12.29 8.60
CA PHE C 90 -15.91 -12.16 9.95
C PHE C 90 -15.89 -10.71 10.39
N GLY C 91 -16.69 -10.41 11.41
CA GLY C 91 -16.74 -9.07 11.95
C GLY C 91 -17.65 -8.11 11.20
N LYS C 92 -18.15 -7.12 11.90
CA LYS C 92 -19.04 -6.14 11.28
C LYS C 92 -18.31 -4.85 10.94
N TYR C 93 -17.17 -4.61 11.60
CA TYR C 93 -16.40 -3.39 11.40
C TYR C 93 -14.94 -3.69 11.17
N HIS C 94 -14.34 -2.97 10.24
CA HIS C 94 -12.94 -3.14 9.90
C HIS C 94 -12.28 -1.80 9.67
N ILE C 95 -11.29 -1.48 10.49
CA ILE C 95 -10.60 -0.21 10.40
C ILE C 95 -9.26 -0.34 9.68
N ILE C 96 -8.94 0.67 8.89
CA ILE C 96 -7.66 0.75 8.19
C ILE C 96 -7.07 2.10 8.56
N VAL C 97 -5.83 2.09 9.04
CA VAL C 97 -5.13 3.33 9.37
C VAL C 97 -4.00 3.40 8.36
N CYS C 98 -3.64 4.62 7.96
CA CYS C 98 -2.61 4.80 6.95
C CYS C 98 -1.58 5.85 7.30
N TYR C 99 -0.42 5.74 6.66
CA TYR C 99 0.68 6.67 6.85
C TYR C 99 0.16 8.09 6.60
N PRO C 100 0.65 9.08 7.36
CA PRO C 100 1.64 9.03 8.45
C PRO C 100 1.05 8.68 9.81
N TYR C 101 -0.18 8.17 9.82
CA TYR C 101 -0.83 7.75 11.05
C TYR C 101 -1.21 8.90 12.00
N ASP C 102 -1.61 10.03 11.43
CA ASP C 102 -2.03 11.15 12.27
C ASP C 102 -3.41 10.83 12.83
N GLU C 103 -3.88 11.71 13.72
CA GLU C 103 -5.17 11.52 14.37
C GLU C 103 -6.34 11.18 13.44
N ASN C 104 -6.31 11.71 12.22
CA ASN C 104 -7.40 11.45 11.28
C ASN C 104 -7.06 10.48 10.15
N SER C 105 -5.92 9.81 10.25
CA SER C 105 -5.50 8.88 9.22
C SER C 105 -6.10 7.49 9.40
N TRP C 106 -7.43 7.44 9.44
CA TRP C 106 -8.12 6.16 9.59
C TRP C 106 -9.50 6.21 8.97
N LYS C 107 -9.99 5.03 8.63
CA LYS C 107 -11.32 4.88 8.05
C LYS C 107 -11.88 3.55 8.51
N CYS C 108 -13.19 3.49 8.68
CA CYS C 108 -13.84 2.25 9.08
C CYS C 108 -14.73 1.76 7.93
N TYR C 109 -14.82 0.45 7.77
CA TYR C 109 -15.61 -0.16 6.72
C TYR C 109 -16.50 -1.26 7.27
N ASN C 110 -17.62 -1.53 6.61
CA ASN C 110 -18.46 -2.64 7.05
C ASN C 110 -17.96 -3.89 6.36
N ARG C 111 -18.62 -5.02 6.54
CA ARG C 111 -18.13 -6.26 5.93
C ARG C 111 -18.16 -6.32 4.41
N LYS C 112 -18.77 -5.32 3.78
CA LYS C 112 -18.81 -5.28 2.32
C LYS C 112 -17.79 -4.30 1.75
N GLY C 113 -17.04 -3.65 2.63
CA GLY C 113 -16.04 -2.69 2.18
C GLY C 113 -16.54 -1.28 2.01
N GLU C 114 -17.78 -1.03 2.41
CA GLU C 114 -18.38 0.30 2.31
C GLU C 114 -17.96 1.10 3.54
N GLU C 115 -17.56 2.34 3.35
CA GLU C 115 -17.15 3.17 4.47
C GLU C 115 -18.30 3.54 5.39
N VAL C 116 -18.07 3.34 6.69
CA VAL C 116 -19.07 3.67 7.70
C VAL C 116 -18.45 4.55 8.77
N GLU C 117 -19.31 5.28 9.49
CA GLU C 117 -18.84 6.16 10.54
C GLU C 117 -18.62 5.41 11.83
N LEU C 118 -17.79 6.02 12.68
CA LEU C 118 -17.53 5.52 14.02
C LEU C 118 -17.52 6.79 14.85
N GLU C 119 -18.36 6.85 15.89
CA GLU C 119 -18.38 8.02 16.73
C GLU C 119 -17.26 7.87 17.76
N VAL C 120 -16.37 8.86 17.81
CA VAL C 120 -15.28 8.82 18.76
C VAL C 120 -15.74 9.35 20.10
N VAL C 121 -15.56 8.55 21.15
CA VAL C 121 -15.95 8.96 22.48
C VAL C 121 -14.69 9.40 23.23
N GLU C 122 -14.64 10.68 23.58
CA GLU C 122 -13.50 11.24 24.28
C GLU C 122 -13.84 11.56 25.73
N MET D 4 5.23 -30.03 14.13
CA MET D 4 4.03 -29.39 14.75
C MET D 4 2.92 -30.43 14.90
N LYS D 5 2.17 -30.35 16.00
CA LYS D 5 1.08 -31.28 16.26
C LYS D 5 -0.27 -30.59 16.37
N ILE D 6 -1.31 -31.39 16.20
CA ILE D 6 -2.69 -30.91 16.33
C ILE D 6 -3.45 -32.10 16.91
N SER D 7 -4.32 -31.83 17.86
CA SER D 7 -5.10 -32.91 18.46
C SER D 7 -6.30 -33.24 17.59
N ARG D 8 -6.65 -34.52 17.52
CA ARG D 8 -7.79 -34.95 16.74
C ARG D 8 -9.03 -34.31 17.37
N GLY D 9 -8.95 -34.01 18.66
CA GLY D 9 -10.06 -33.38 19.35
C GLY D 9 -10.33 -32.02 18.74
N LEU D 10 -9.28 -31.30 18.37
CA LEU D 10 -9.44 -29.98 17.78
C LEU D 10 -9.99 -30.13 16.36
N LEU D 11 -9.48 -31.12 15.62
CA LEU D 11 -10.00 -31.35 14.27
C LEU D 11 -11.49 -31.66 14.33
N LYS D 12 -11.90 -32.44 15.32
CA LYS D 12 -13.32 -32.79 15.46
C LYS D 12 -14.13 -31.52 15.72
N THR D 13 -13.61 -30.65 16.59
CA THR D 13 -14.27 -29.38 16.92
C THR D 13 -14.40 -28.54 15.66
N ILE D 14 -13.31 -28.47 14.91
CA ILE D 14 -13.28 -27.71 13.67
C ILE D 14 -14.28 -28.22 12.65
N LEU D 15 -14.30 -29.53 12.43
CA LEU D 15 -15.21 -30.12 11.46
C LEU D 15 -16.66 -29.94 11.85
N GLU D 16 -16.95 -30.02 13.16
CA GLU D 16 -18.32 -29.85 13.63
C GLU D 16 -18.74 -28.41 13.42
N ALA D 17 -17.83 -27.47 13.63
CA ALA D 17 -18.14 -26.06 13.46
C ALA D 17 -18.41 -25.79 11.97
N ALA D 18 -17.66 -26.47 11.10
CA ALA D 18 -17.84 -26.29 9.67
C ALA D 18 -19.22 -26.81 9.25
N LYS D 19 -19.58 -27.99 9.76
CA LYS D 19 -20.88 -28.58 9.44
C LYS D 19 -22.00 -27.66 9.92
N SER D 20 -21.81 -27.05 11.09
CA SER D 20 -22.82 -26.17 11.66
C SER D 20 -22.98 -24.86 10.88
N ALA D 21 -21.89 -24.37 10.31
CA ALA D 21 -21.93 -23.13 9.55
C ALA D 21 -22.37 -23.31 8.10
N HIS D 22 -22.09 -24.48 7.54
CA HIS D 22 -22.42 -24.79 6.15
C HIS D 22 -23.82 -24.32 5.77
N PRO D 23 -23.98 -23.73 4.56
CA PRO D 23 -22.99 -23.47 3.51
C PRO D 23 -22.07 -22.27 3.74
N ASP D 24 -22.23 -21.58 4.85
CA ASP D 24 -21.37 -20.44 5.14
C ASP D 24 -20.00 -20.96 5.56
N GLU D 25 -19.00 -20.09 5.49
CA GLU D 25 -17.65 -20.46 5.88
C GLU D 25 -17.35 -20.05 7.32
N PHE D 26 -17.07 -21.04 8.16
CA PHE D 26 -16.75 -20.74 9.54
C PHE D 26 -15.27 -20.36 9.55
N ILE D 27 -14.85 -19.58 10.53
CA ILE D 27 -13.45 -19.20 10.61
C ILE D 27 -13.08 -18.98 12.07
N ALA D 28 -11.84 -19.33 12.41
CA ALA D 28 -11.36 -19.18 13.76
C ALA D 28 -9.84 -19.12 13.72
N LEU D 29 -9.25 -18.83 14.87
CA LEU D 29 -7.80 -18.77 14.98
C LEU D 29 -7.32 -20.03 15.68
N LEU D 30 -6.30 -20.65 15.10
CA LEU D 30 -5.71 -21.85 15.67
C LEU D 30 -4.79 -21.43 16.80
N SER D 31 -5.01 -21.98 17.98
CA SER D 31 -4.18 -21.63 19.13
C SER D 31 -3.83 -22.85 19.99
N GLY D 32 -2.96 -22.62 20.97
CA GLY D 32 -2.56 -23.69 21.86
C GLY D 32 -1.29 -23.34 22.59
N SER D 33 -0.74 -24.29 23.34
CA SER D 33 0.48 -24.05 24.10
C SER D 33 1.62 -24.91 23.58
N LYS D 34 2.82 -24.32 23.55
CA LYS D 34 4.02 -25.01 23.10
C LYS D 34 3.98 -25.54 21.67
N ASP D 35 3.97 -26.87 21.53
CA ASP D 35 3.96 -27.49 20.21
C ASP D 35 2.70 -28.24 19.85
N VAL D 36 1.55 -27.81 20.37
CA VAL D 36 0.31 -28.50 20.05
C VAL D 36 -0.88 -27.58 19.83
N MET D 37 -1.48 -27.66 18.65
CA MET D 37 -2.65 -26.85 18.35
C MET D 37 -3.83 -27.65 18.91
N ASP D 38 -4.44 -27.13 19.97
CA ASP D 38 -5.56 -27.81 20.61
C ASP D 38 -6.66 -26.88 21.09
N GLU D 39 -6.64 -25.64 20.63
CA GLU D 39 -7.65 -24.65 21.03
C GLU D 39 -8.04 -23.78 19.84
N LEU D 40 -9.18 -23.12 19.96
CA LEU D 40 -9.66 -22.25 18.92
C LEU D 40 -10.16 -20.94 19.50
N ILE D 41 -9.98 -19.88 18.73
CA ILE D 41 -10.48 -18.56 19.10
C ILE D 41 -11.52 -18.34 18.01
N PHE D 42 -12.77 -18.61 18.32
CA PHE D 42 -13.83 -18.42 17.34
C PHE D 42 -13.98 -16.97 16.96
N LEU D 43 -14.17 -16.73 15.67
CA LEU D 43 -14.35 -15.37 15.15
C LEU D 43 -15.80 -15.23 14.73
N PRO D 44 -16.34 -14.00 14.82
CA PRO D 44 -17.74 -13.75 14.46
C PRO D 44 -18.09 -13.75 12.97
N PHE D 45 -18.16 -14.92 12.36
CA PHE D 45 -18.53 -14.98 10.96
C PHE D 45 -20.03 -14.78 10.89
N VAL D 46 -20.50 -14.11 9.85
CA VAL D 46 -21.92 -13.83 9.69
C VAL D 46 -22.65 -14.87 8.86
N SER D 47 -23.75 -15.37 9.39
CA SER D 47 -24.55 -16.36 8.70
C SER D 47 -25.34 -15.69 7.57
N GLY D 48 -25.60 -16.43 6.50
CA GLY D 48 -26.33 -15.88 5.38
C GLY D 48 -25.44 -15.13 4.42
N PRO D 60 -4.85 -16.42 27.63
CA PRO D 60 -4.15 -17.29 28.59
C PRO D 60 -2.64 -17.20 28.46
N ILE D 61 -1.94 -17.46 29.57
CA ILE D 61 -0.49 -17.41 29.60
C ILE D 61 0.15 -18.52 28.78
N GLY D 62 0.97 -18.14 27.80
CA GLY D 62 1.63 -19.11 26.96
C GLY D 62 0.88 -19.42 25.68
N MET D 63 -0.40 -19.07 25.65
CA MET D 63 -1.24 -19.33 24.48
C MET D 63 -0.72 -18.53 23.29
N LYS D 64 -0.52 -19.21 22.16
CA LYS D 64 -0.02 -18.57 20.95
C LYS D 64 -0.99 -18.75 19.79
N VAL D 65 -0.82 -17.93 18.75
CA VAL D 65 -1.66 -18.01 17.56
C VAL D 65 -0.83 -18.64 16.45
N PHE D 66 -1.17 -19.88 16.12
CA PHE D 66 -0.44 -20.61 15.08
C PHE D 66 -0.93 -20.20 13.71
N GLY D 67 -2.15 -19.70 13.64
CA GLY D 67 -2.70 -19.28 12.37
C GLY D 67 -4.21 -19.27 12.37
N THR D 68 -4.80 -19.63 11.23
CA THR D 68 -6.25 -19.64 11.14
C THR D 68 -6.77 -20.93 10.55
N VAL D 69 -8.07 -21.09 10.64
CA VAL D 69 -8.75 -22.24 10.08
C VAL D 69 -10.09 -21.74 9.55
N HIS D 70 -10.47 -22.19 8.36
CA HIS D 70 -11.75 -21.81 7.82
C HIS D 70 -12.28 -22.93 6.94
N SER D 71 -13.59 -22.91 6.68
CA SER D 71 -14.19 -23.96 5.88
C SER D 71 -14.62 -23.54 4.48
N HIS D 72 -14.74 -24.53 3.59
CA HIS D 72 -15.19 -24.35 2.22
C HIS D 72 -16.43 -25.20 2.03
N PRO D 73 -17.48 -24.63 1.41
CA PRO D 73 -18.71 -25.40 1.18
C PRO D 73 -18.57 -26.39 0.03
N SER D 74 -17.49 -26.25 -0.73
CA SER D 74 -17.22 -27.13 -1.86
C SER D 74 -16.24 -28.21 -1.40
N PRO D 75 -16.12 -29.30 -2.16
CA PRO D 75 -15.20 -30.39 -1.80
C PRO D 75 -13.73 -30.01 -1.91
N SER D 76 -13.44 -28.76 -2.23
CA SER D 76 -12.06 -28.32 -2.38
C SER D 76 -11.45 -27.75 -1.10
N CYS D 77 -10.34 -28.34 -0.69
CA CYS D 77 -9.62 -27.90 0.49
C CYS D 77 -8.38 -27.12 0.05
N ARG D 78 -8.34 -26.79 -1.24
CA ARG D 78 -7.22 -26.04 -1.81
C ARG D 78 -7.39 -24.54 -1.53
N PRO D 79 -6.29 -23.84 -1.23
CA PRO D 79 -6.35 -22.41 -0.95
C PRO D 79 -6.44 -21.56 -2.21
N SER D 80 -7.14 -20.44 -2.10
CA SER D 80 -7.29 -19.53 -3.23
C SER D 80 -6.30 -18.39 -2.99
N GLU D 81 -6.19 -17.50 -3.98
CA GLU D 81 -5.29 -16.37 -3.84
C GLU D 81 -5.75 -15.56 -2.64
N GLU D 82 -7.07 -15.45 -2.47
CA GLU D 82 -7.61 -14.71 -1.33
C GLU D 82 -7.14 -15.35 -0.04
N ASP D 83 -7.15 -16.68 0.01
CA ASP D 83 -6.71 -17.39 1.20
C ASP D 83 -5.25 -17.10 1.52
N LEU D 84 -4.41 -17.06 0.48
CA LEU D 84 -3.00 -16.78 0.70
C LEU D 84 -2.80 -15.40 1.31
N SER D 85 -3.63 -14.44 0.95
CA SER D 85 -3.51 -13.10 1.51
C SER D 85 -3.91 -13.12 2.98
N LEU D 86 -4.79 -14.04 3.34
CA LEU D 86 -5.24 -14.20 4.72
C LEU D 86 -4.11 -14.85 5.53
N PHE D 87 -3.54 -15.91 4.96
CA PHE D 87 -2.45 -16.64 5.60
C PHE D 87 -1.25 -15.76 5.92
N THR D 88 -0.80 -15.00 4.92
CA THR D 88 0.36 -14.14 5.08
C THR D 88 0.18 -13.10 6.18
N ARG D 89 -1.08 -12.84 6.54
CA ARG D 89 -1.41 -11.86 7.57
C ARG D 89 -1.67 -12.46 8.95
N PHE D 90 -2.10 -13.71 9.01
CA PHE D 90 -2.44 -14.33 10.29
C PHE D 90 -1.66 -15.55 10.78
N GLY D 91 -0.34 -15.48 10.80
CA GLY D 91 0.42 -16.61 11.32
C GLY D 91 1.11 -17.56 10.37
N LYS D 92 1.61 -18.66 10.94
CA LYS D 92 2.36 -19.66 10.19
C LYS D 92 1.55 -20.87 9.70
N TYR D 93 0.63 -21.36 10.53
CA TYR D 93 -0.17 -22.53 10.17
C TYR D 93 -1.62 -22.18 9.85
N HIS D 94 -2.10 -22.67 8.71
CA HIS D 94 -3.46 -22.38 8.27
C HIS D 94 -4.17 -23.61 7.75
N ILE D 95 -5.31 -23.92 8.36
CA ILE D 95 -6.07 -25.08 7.94
C ILE D 95 -7.32 -24.70 7.20
N ILE D 96 -7.66 -25.54 6.21
CA ILE D 96 -8.86 -25.38 5.42
C ILE D 96 -9.56 -26.73 5.47
N VAL D 97 -10.85 -26.71 5.84
CA VAL D 97 -11.61 -27.94 5.84
C VAL D 97 -12.63 -27.77 4.72
N CYS D 98 -13.07 -28.89 4.14
CA CYS D 98 -13.99 -28.83 3.02
C CYS D 98 -15.09 -29.88 3.09
N TYR D 99 -16.17 -29.62 2.36
CA TYR D 99 -17.31 -30.52 2.31
C TYR D 99 -16.80 -31.90 1.87
N PRO D 100 -17.37 -32.99 2.42
CA PRO D 100 -18.44 -33.08 3.41
C PRO D 100 -17.96 -33.00 4.88
N TYR D 101 -16.76 -32.46 5.08
CA TYR D 101 -16.20 -32.32 6.41
C TYR D 101 -16.02 -33.64 7.16
N ASP D 102 -15.57 -34.68 6.48
CA ASP D 102 -15.35 -35.95 7.15
C ASP D 102 -13.99 -35.83 7.87
N GLU D 103 -13.61 -36.85 8.63
CA GLU D 103 -12.36 -36.79 9.39
C GLU D 103 -11.10 -36.48 8.58
N ASN D 104 -11.13 -36.74 7.28
CA ASN D 104 -9.97 -36.49 6.42
C ASN D 104 -10.13 -35.29 5.50
N SER D 105 -11.26 -34.58 5.63
CA SER D 105 -11.54 -33.42 4.79
C SER D 105 -10.89 -32.14 5.29
N TRP D 106 -9.56 -32.16 5.37
CA TRP D 106 -8.82 -31.00 5.84
C TRP D 106 -7.41 -30.98 5.28
N LYS D 107 -6.81 -29.80 5.31
CA LYS D 107 -5.45 -29.59 4.83
C LYS D 107 -4.82 -28.47 5.65
N CYS D 108 -3.52 -28.54 5.84
CA CYS D 108 -2.80 -27.51 6.58
C CYS D 108 -1.79 -26.91 5.61
N TYR D 109 -1.70 -25.59 5.59
CA TYR D 109 -0.79 -24.91 4.67
C TYR D 109 0.10 -23.87 5.34
N ASN D 110 1.07 -23.40 4.58
CA ASN D 110 1.96 -22.34 5.06
C ASN D 110 1.49 -21.08 4.34
N ARG D 111 2.07 -19.94 4.69
CA ARG D 111 1.67 -18.69 4.07
C ARG D 111 1.82 -18.65 2.55
N LYS D 112 2.50 -19.63 1.99
CA LYS D 112 2.71 -19.68 0.55
C LYS D 112 1.79 -20.66 -0.17
N GLY D 113 0.92 -21.33 0.59
CA GLY D 113 0.00 -22.28 0.00
C GLY D 113 0.56 -23.68 -0.13
N GLU D 114 1.79 -23.87 0.35
CA GLU D 114 2.43 -25.18 0.31
C GLU D 114 1.90 -25.99 1.48
N GLU D 115 1.52 -27.24 1.22
CA GLU D 115 0.98 -28.10 2.28
C GLU D 115 2.02 -28.37 3.36
N VAL D 116 1.57 -28.37 4.62
CA VAL D 116 2.44 -28.62 5.75
C VAL D 116 2.01 -29.91 6.47
N GLU D 117 2.99 -30.72 6.83
CA GLU D 117 2.72 -31.98 7.51
C GLU D 117 2.57 -31.80 9.02
N LEU D 118 1.45 -32.27 9.56
CA LEU D 118 1.22 -32.17 11.00
C LEU D 118 1.10 -33.56 11.61
N GLU D 119 1.51 -33.68 12.86
CA GLU D 119 1.36 -34.93 13.59
C GLU D 119 0.03 -34.80 14.31
N VAL D 120 -0.85 -35.77 14.11
CA VAL D 120 -2.16 -35.73 14.76
C VAL D 120 -2.16 -36.63 15.99
N VAL D 121 -2.33 -36.02 17.17
CA VAL D 121 -2.32 -36.76 18.43
C VAL D 121 -3.69 -36.75 19.11
N GLU D 122 -3.81 -37.49 20.21
CA GLU D 122 -5.06 -37.55 20.94
C GLU D 122 -5.02 -36.61 22.14
ZN ZN E . 9.04 17.91 -22.93
C1 144 F . 9.07 16.91 -25.35
N 144 F . 10.32 16.14 -25.33
C2 144 F . 10.62 15.74 -23.93
O2 144 F . 10.76 16.43 -22.77
C3 144 F . 11.36 17.04 -25.99
O3 144 F . 12.66 16.44 -26.07
C4 144 F . 10.02 14.92 -26.12
O4 144 F . 8.78 13.92 -25.94
ZN ZN G . 3.77 1.86 -16.74
ZN ZN H . -5.05 -3.26 3.72
ZN ZN I . -10.77 -20.33 1.42
C1 144 J . -11.35 -19.78 -1.10
N 144 J . -12.58 -19.03 -0.94
C2 144 J . -12.60 -18.41 0.44
O2 144 J . -12.53 -18.90 1.70
C3 144 J . -13.69 -20.04 -1.21
O3 144 J . -15.02 -19.52 -1.10
C4 144 J . -12.50 -17.94 -1.94
O4 144 J . -11.31 -16.91 -2.18
#